data_7S02
#
_entry.id   7S02
#
_cell.length_a   93.813
_cell.length_b   93.813
_cell.length_c   113.222
_cell.angle_alpha   90.000
_cell.angle_beta   90.000
_cell.angle_gamma   120.000
#
_symmetry.space_group_name_H-M   'P 61'
#
loop_
_entity.id
_entity.type
_entity.pdbx_description
1 polymer 'Fem-3 mRNA-binding factor 2'
2 polymer 'FBE RNA'
3 polymer 'Lateral Signaling Target'
4 non-polymer DI(HYDROXYETHYL)ETHER
5 non-polymer 1,2-ETHANEDIOL
6 water water
#
loop_
_entity_poly.entity_id
_entity_poly.type
_entity_poly.pdbx_seq_one_letter_code
_entity_poly.pdbx_strand_id
1 'polypeptide(L)'
;GSNNVLPTWSLDSNGEMRSRLSLSEVLDSGDLMKFAVDKTGCQFLEKAVKGSLTSYQKFQLFEQVIGRKDDFLKLSTNIF
GNYLVQSVIGISLATNDDGYTKRQEKLKNFISSQMTDMCLDKFACRVIQSSLQNMDLSLACKLVQALPRDARLIAICVDQ
NANHVIQKVVAVIPLKNWEFIVDFVATPEHLRQICSDKYGCRVVQTIIEKLTADSMNVDLTSAAQNLRERALQRLMTSVT
NRCQELATNEYANYIIQHIVSNDDLAVYRECIIEKCLMRNLLSLSQEKFASHVVEKAFLHAPLELLAEMMDEIFDGYIPH
PDTGKDALDIMMFHQFGNYVVQCMLTICCDAVSGRRQTKEGGYDHAISFQDWLKKLHSRVTKERHRLSRFSSGKKMIETL
ANLRSTHPIYELQ
;
A
2 'polyribonucleotide' UGUACUAUA B
3 'polypeptide(L)' GSNSSTIAYSKSQHEAPKQLLQLRSEIKPLIPLNQP C
#
# COMPACT_ATOMS: atom_id res chain seq x y z
N VAL A 5 9.50 41.66 3.30
CA VAL A 5 8.66 41.48 2.13
C VAL A 5 7.20 41.83 2.46
N LEU A 6 6.95 42.04 3.75
CA LEU A 6 5.62 42.43 4.19
C LEU A 6 5.41 43.93 3.99
N PRO A 7 4.18 44.37 3.77
CA PRO A 7 3.92 45.80 3.61
C PRO A 7 4.26 46.57 4.88
N THR A 8 4.80 47.78 4.69
CA THR A 8 5.38 48.54 5.80
C THR A 8 4.33 49.07 6.76
N TRP A 9 3.08 49.20 6.34
CA TRP A 9 2.05 49.69 7.27
C TRP A 9 1.79 48.69 8.39
N SER A 10 2.06 47.40 8.14
CA SER A 10 1.89 46.38 9.16
C SER A 10 3.16 46.09 9.93
N LEU A 11 4.32 46.48 9.39
CA LEU A 11 5.59 46.15 10.02
C LEU A 11 5.78 46.93 11.32
N ASP A 12 6.59 46.36 12.21
CA ASP A 12 6.93 46.97 13.49
C ASP A 12 8.37 47.48 13.45
N SER A 13 8.60 48.61 14.11
CA SER A 13 9.92 49.22 14.15
C SER A 13 10.94 48.32 14.82
N MET A 17 5.92 42.81 12.22
CA MET A 17 4.48 42.85 12.44
C MET A 17 4.14 43.49 13.79
N ARG A 18 3.02 44.20 13.84
CA ARG A 18 2.58 44.86 15.05
C ARG A 18 1.94 43.83 15.99
N SER A 19 1.34 44.33 17.08
CA SER A 19 0.65 43.48 18.05
C SER A 19 -0.85 43.50 17.88
N ARG A 20 -1.45 44.67 17.66
CA ARG A 20 -2.88 44.81 17.49
C ARG A 20 -3.32 44.68 16.03
N LEU A 21 -2.53 43.98 15.21
CA LEU A 21 -2.90 43.77 13.81
C LEU A 21 -4.06 42.78 13.73
N SER A 22 -5.20 43.25 13.23
CA SER A 22 -6.39 42.43 13.12
C SER A 22 -6.51 41.82 11.73
N LEU A 23 -7.35 40.80 11.63
CA LEU A 23 -7.60 40.17 10.34
C LEU A 23 -8.30 41.13 9.37
N SER A 24 -9.22 41.94 9.90
CA SER A 24 -9.92 42.91 9.05
C SER A 24 -8.96 43.93 8.45
N GLU A 25 -7.91 44.29 9.18
CA GLU A 25 -6.89 45.17 8.61
C GLU A 25 -6.23 44.54 7.40
N VAL A 26 -5.95 43.24 7.47
CA VAL A 26 -5.32 42.55 6.35
C VAL A 26 -6.32 42.38 5.21
N LEU A 27 -7.56 42.02 5.53
CA LEU A 27 -8.56 41.79 4.48
C LEU A 27 -8.92 43.09 3.76
N ASP A 28 -9.05 44.20 4.51
CA ASP A 28 -9.41 45.47 3.89
C ASP A 28 -8.28 46.03 3.05
N SER A 29 -7.02 45.69 3.38
CA SER A 29 -5.88 46.32 2.74
C SER A 29 -5.62 45.80 1.34
N GLY A 30 -6.15 44.64 0.98
CA GLY A 30 -5.88 44.06 -0.32
C GLY A 30 -4.50 43.44 -0.47
N ASP A 31 -3.74 43.32 0.62
CA ASP A 31 -2.40 42.78 0.58
C ASP A 31 -2.31 41.35 1.13
N LEU A 32 -3.44 40.63 1.17
CA LEU A 32 -3.47 39.31 1.79
C LEU A 32 -2.47 38.36 1.13
N MET A 33 -2.27 38.49 -0.18
CA MET A 33 -1.35 37.61 -0.89
C MET A 33 0.08 37.76 -0.39
N LYS A 34 0.45 38.95 0.09
CA LYS A 34 1.80 39.14 0.62
C LYS A 34 1.96 38.43 1.96
N PHE A 35 0.93 38.48 2.82
CA PHE A 35 1.01 37.79 4.10
C PHE A 35 0.95 36.28 3.92
N ALA A 36 0.14 35.81 2.96
CA ALA A 36 -0.10 34.38 2.83
C ALA A 36 1.12 33.64 2.28
N VAL A 37 2.07 34.33 1.66
CA VAL A 37 3.29 33.69 1.16
C VAL A 37 4.48 33.92 2.08
N ASP A 38 4.35 34.78 3.09
CA ASP A 38 5.40 34.97 4.08
C ASP A 38 5.15 34.04 5.26
N LYS A 39 6.26 33.53 5.83
CA LYS A 39 6.14 32.57 6.93
C LYS A 39 5.48 33.19 8.15
N THR A 40 5.93 34.38 8.54
CA THR A 40 5.34 35.06 9.69
C THR A 40 3.91 35.50 9.41
N GLY A 41 3.67 36.04 8.21
CA GLY A 41 2.35 36.54 7.89
C GLY A 41 1.31 35.44 7.79
N CYS A 42 1.66 34.36 7.08
CA CYS A 42 0.71 33.26 6.91
C CYS A 42 0.45 32.54 8.24
N GLN A 43 1.43 32.49 9.13
CA GLN A 43 1.20 31.94 10.45
C GLN A 43 0.18 32.76 11.23
N PHE A 44 0.22 34.08 11.05
CA PHE A 44 -0.79 34.93 11.68
C PHE A 44 -2.16 34.72 11.06
N LEU A 45 -2.22 34.68 9.72
CA LEU A 45 -3.48 34.40 9.04
C LEU A 45 -4.02 33.02 9.41
N GLU A 46 -3.13 32.05 9.65
CA GLU A 46 -3.56 30.74 10.10
C GLU A 46 -4.38 30.84 11.38
N LYS A 47 -3.84 31.54 12.38
CA LYS A 47 -4.54 31.69 13.65
C LYS A 47 -5.72 32.65 13.57
N ALA A 48 -5.65 33.66 12.70
CA ALA A 48 -6.68 34.68 12.65
C ALA A 48 -8.00 34.11 12.13
N VAL A 49 -7.95 33.23 11.13
CA VAL A 49 -9.17 32.68 10.56
C VAL A 49 -9.84 31.66 11.46
N LYS A 50 -9.21 31.27 12.56
CA LYS A 50 -9.82 30.37 13.52
C LYS A 50 -10.66 31.10 14.57
N GLY A 51 -10.51 32.42 14.68
CA GLY A 51 -11.26 33.19 15.64
C GLY A 51 -12.69 33.44 15.21
N SER A 52 -13.30 34.44 15.81
CA SER A 52 -14.68 34.80 15.49
C SER A 52 -14.70 35.61 14.20
N LEU A 53 -15.43 35.11 13.20
CA LEU A 53 -15.54 35.76 11.90
C LEU A 53 -16.96 36.28 11.70
N THR A 54 -17.08 37.54 11.28
CA THR A 54 -18.36 38.04 10.84
C THR A 54 -18.67 37.49 9.45
N SER A 55 -19.92 37.68 9.01
CA SER A 55 -20.32 37.19 7.70
C SER A 55 -19.51 37.85 6.59
N TYR A 56 -19.20 39.15 6.73
CA TYR A 56 -18.41 39.82 5.72
C TYR A 56 -16.96 39.37 5.73
N GLN A 57 -16.43 39.08 6.93
CA GLN A 57 -15.05 38.59 7.02
C GLN A 57 -14.90 37.25 6.32
N LYS A 58 -15.87 36.35 6.50
CA LYS A 58 -15.87 35.12 5.71
C LYS A 58 -16.01 35.41 4.23
N PHE A 59 -16.87 36.37 3.87
CA PHE A 59 -17.05 36.74 2.47
C PHE A 59 -15.76 37.22 1.85
N GLN A 60 -14.99 38.04 2.58
CA GLN A 60 -13.71 38.52 2.06
C GLN A 60 -12.71 37.37 1.91
N LEU A 61 -12.66 36.47 2.89
CA LEU A 61 -11.78 35.32 2.80
C LEU A 61 -12.17 34.43 1.62
N PHE A 62 -13.46 34.25 1.40
CA PHE A 62 -13.93 33.39 0.29
C PHE A 62 -13.53 34.00 -1.06
N GLU A 63 -13.50 35.32 -1.14
CA GLU A 63 -13.16 35.95 -2.43
C GLU A 63 -11.65 36.03 -2.59
N GLN A 64 -10.92 36.34 -1.53
CA GLN A 64 -9.47 36.57 -1.69
C GLN A 64 -8.65 35.27 -1.70
N VAL A 65 -9.16 34.19 -1.13
CA VAL A 65 -8.33 32.95 -1.04
C VAL A 65 -8.83 31.90 -2.03
N ILE A 66 -10.13 31.69 -2.13
CA ILE A 66 -10.63 30.62 -3.02
C ILE A 66 -11.60 31.21 -4.06
N GLY A 67 -11.51 32.51 -4.32
CA GLY A 67 -12.41 33.14 -5.30
C GLY A 67 -11.71 33.53 -6.56
N ARG A 68 -10.39 33.71 -6.51
CA ARG A 68 -9.62 34.11 -7.70
C ARG A 68 -8.74 32.93 -8.12
N LYS A 69 -8.99 32.39 -9.31
CA LYS A 69 -8.25 31.19 -9.80
C LYS A 69 -6.73 31.36 -9.71
N ASP A 70 -6.19 32.45 -10.22
CA ASP A 70 -4.74 32.60 -10.23
C ASP A 70 -4.17 32.74 -8.83
N ASP A 71 -4.87 33.48 -7.96
CA ASP A 71 -4.42 33.60 -6.57
C ASP A 71 -4.61 32.29 -5.83
N PHE A 72 -5.71 31.58 -6.10
CA PHE A 72 -5.93 30.27 -5.52
C PHE A 72 -4.83 29.30 -5.91
N LEU A 73 -4.41 29.34 -7.18
CA LEU A 73 -3.33 28.49 -7.65
C LEU A 73 -2.00 28.86 -6.99
N LYS A 74 -1.70 30.16 -6.91
CA LYS A 74 -0.44 30.60 -6.33
C LYS A 74 -0.35 30.22 -4.85
N LEU A 75 -1.47 30.32 -4.13
CA LEU A 75 -1.46 29.97 -2.71
C LEU A 75 -1.42 28.45 -2.52
N SER A 76 -2.13 27.71 -3.38
CA SER A 76 -2.17 26.26 -3.24
C SER A 76 -0.80 25.64 -3.49
N THR A 77 -0.01 26.20 -4.39
CA THR A 77 1.33 25.72 -4.67
C THR A 77 2.39 26.36 -3.80
N ASN A 78 1.99 27.08 -2.75
CA ASN A 78 2.92 27.76 -1.86
C ASN A 78 3.20 26.91 -0.63
N ILE A 79 4.43 27.02 -0.12
CA ILE A 79 4.85 26.21 1.03
C ILE A 79 4.05 26.59 2.26
N PHE A 80 3.75 27.88 2.43
CA PHE A 80 2.92 28.35 3.53
C PHE A 80 1.47 28.59 3.14
N GLY A 81 1.24 29.07 1.91
CA GLY A 81 -0.11 29.47 1.52
C GLY A 81 -1.07 28.32 1.38
N ASN A 82 -0.56 27.11 1.14
CA ASN A 82 -1.44 25.95 0.97
C ASN A 82 -2.19 25.63 2.25
N TYR A 83 -1.62 25.98 3.41
CA TYR A 83 -2.34 25.77 4.67
C TYR A 83 -3.54 26.71 4.78
N LEU A 84 -3.40 27.95 4.33
CA LEU A 84 -4.52 28.90 4.39
C LEU A 84 -5.64 28.49 3.44
N VAL A 85 -5.29 27.96 2.27
CA VAL A 85 -6.31 27.50 1.33
C VAL A 85 -7.14 26.38 1.95
N GLN A 86 -6.48 25.42 2.60
CA GLN A 86 -7.21 24.33 3.24
C GLN A 86 -8.08 24.84 4.38
N SER A 87 -7.61 25.86 5.11
CA SER A 87 -8.41 26.42 6.19
C SER A 87 -9.61 27.17 5.65
N VAL A 88 -9.44 27.94 4.58
CA VAL A 88 -10.54 28.71 4.01
C VAL A 88 -11.55 27.77 3.35
N ILE A 89 -11.07 26.71 2.69
CA ILE A 89 -11.97 25.71 2.14
C ILE A 89 -12.82 25.09 3.24
N GLY A 90 -12.21 24.83 4.40
CA GLY A 90 -12.98 24.30 5.52
C GLY A 90 -14.02 25.27 6.03
N ILE A 91 -13.68 26.56 6.09
CA ILE A 91 -14.65 27.56 6.52
C ILE A 91 -15.79 27.69 5.52
N SER A 92 -15.47 27.61 4.23
CA SER A 92 -16.50 27.69 3.20
C SER A 92 -17.45 26.49 3.29
N LEU A 93 -16.90 25.30 3.50
CA LEU A 93 -17.73 24.11 3.65
C LEU A 93 -18.53 24.13 4.94
N ALA A 94 -18.10 24.92 5.94
CA ALA A 94 -18.77 25.00 7.22
C ALA A 94 -19.74 26.18 7.30
N THR A 95 -19.84 26.99 6.25
CA THR A 95 -20.71 28.16 6.23
C THR A 95 -21.85 27.88 5.25
N ASN A 96 -23.00 27.49 5.78
CA ASN A 96 -24.17 27.12 4.97
C ASN A 96 -25.05 28.35 4.70
N ASP A 97 -24.44 29.37 4.12
CA ASP A 97 -25.18 30.56 3.74
C ASP A 97 -25.64 30.42 2.29
N ASP A 98 -26.14 31.52 1.71
CA ASP A 98 -26.72 31.46 0.37
C ASP A 98 -25.65 31.29 -0.71
N GLY A 99 -24.38 31.54 -0.40
CA GLY A 99 -23.30 31.35 -1.34
C GLY A 99 -22.58 30.03 -1.24
N TYR A 100 -23.06 29.10 -0.40
CA TYR A 100 -22.35 27.84 -0.19
C TYR A 100 -22.24 27.04 -1.48
N THR A 101 -23.34 26.93 -2.24
CA THR A 101 -23.33 26.15 -3.47
C THR A 101 -22.42 26.79 -4.51
N LYS A 102 -22.52 28.11 -4.68
CA LYS A 102 -21.73 28.80 -5.70
C LYS A 102 -20.24 28.71 -5.40
N ARG A 103 -19.86 28.70 -4.12
CA ARG A 103 -18.45 28.65 -3.76
C ARG A 103 -17.87 27.26 -4.01
N GLN A 104 -18.59 26.22 -3.59
CA GLN A 104 -18.09 24.86 -3.80
C GLN A 104 -18.05 24.49 -5.27
N GLU A 105 -19.01 24.99 -6.06
CA GLU A 105 -18.98 24.77 -7.50
C GLU A 105 -17.77 25.43 -8.14
N LYS A 106 -17.48 26.68 -7.74
CA LYS A 106 -16.33 27.38 -8.29
C LYS A 106 -15.02 26.71 -7.87
N LEU A 107 -14.96 26.22 -6.62
CA LEU A 107 -13.74 25.60 -6.13
C LEU A 107 -13.41 24.33 -6.92
N LYS A 108 -14.43 23.56 -7.29
CA LYS A 108 -14.19 22.36 -8.09
C LYS A 108 -13.64 22.73 -9.47
N ASN A 109 -14.20 23.77 -10.09
CA ASN A 109 -13.71 24.19 -11.40
C ASN A 109 -12.28 24.68 -11.34
N PHE A 110 -11.92 25.39 -10.27
CA PHE A 110 -10.54 25.82 -10.07
C PHE A 110 -9.61 24.60 -10.02
N ILE A 111 -9.99 23.58 -9.26
CA ILE A 111 -9.15 22.40 -9.10
C ILE A 111 -9.17 21.56 -10.36
N SER A 112 -10.35 21.37 -10.97
CA SER A 112 -10.46 20.53 -12.16
C SER A 112 -9.64 21.09 -13.32
N SER A 113 -9.60 22.41 -13.46
CA SER A 113 -8.88 23.04 -14.56
C SER A 113 -7.38 22.88 -14.46
N GLN A 114 -6.85 22.51 -13.29
CA GLN A 114 -5.41 22.33 -13.10
C GLN A 114 -5.11 21.05 -12.33
N MET A 115 -5.89 19.99 -12.61
CA MET A 115 -5.81 18.76 -11.83
C MET A 115 -4.39 18.18 -11.81
N THR A 116 -3.84 17.94 -13.00
CA THR A 116 -2.55 17.25 -13.09
C THR A 116 -1.43 18.09 -12.52
N ASP A 117 -1.42 19.39 -12.80
CA ASP A 117 -0.36 20.26 -12.28
C ASP A 117 -0.44 20.38 -10.77
N MET A 118 -1.66 20.44 -10.22
CA MET A 118 -1.82 20.50 -8.77
C MET A 118 -1.48 19.18 -8.12
N CYS A 119 -1.82 18.06 -8.77
CA CYS A 119 -1.51 16.74 -8.22
C CYS A 119 -0.01 16.54 -8.09
N LEU A 120 0.74 16.85 -9.15
CA LEU A 120 2.18 16.67 -9.13
C LEU A 120 2.91 17.67 -8.24
N ASP A 121 2.22 18.68 -7.73
CA ASP A 121 2.85 19.68 -6.89
C ASP A 121 2.94 19.19 -5.46
N LYS A 122 4.05 19.51 -4.80
CA LYS A 122 4.28 19.04 -3.43
C LYS A 122 3.20 19.55 -2.48
N PHE A 123 2.83 20.82 -2.60
CA PHE A 123 1.87 21.43 -1.69
C PHE A 123 0.45 21.45 -2.21
N ALA A 124 0.26 21.61 -3.52
CA ALA A 124 -1.09 21.66 -4.07
C ALA A 124 -1.81 20.32 -3.95
N CYS A 125 -1.06 19.22 -3.94
CA CYS A 125 -1.68 17.91 -3.80
C CYS A 125 -2.34 17.76 -2.44
N ARG A 126 -1.85 18.47 -1.42
CA ARG A 126 -2.52 18.49 -0.13
C ARG A 126 -3.89 19.15 -0.24
N VAL A 127 -3.99 20.22 -1.04
CA VAL A 127 -5.28 20.87 -1.26
C VAL A 127 -6.23 19.92 -1.97
N ILE A 128 -5.71 19.11 -2.90
CA ILE A 128 -6.55 18.14 -3.61
C ILE A 128 -7.09 17.11 -2.63
N GLN A 129 -6.22 16.57 -1.78
CA GLN A 129 -6.65 15.55 -0.82
C GLN A 129 -7.66 16.10 0.16
N SER A 130 -7.47 17.33 0.62
CA SER A 130 -8.41 17.94 1.55
C SER A 130 -9.78 18.14 0.90
N SER A 131 -9.79 18.52 -0.38
CA SER A 131 -11.06 18.73 -1.07
C SER A 131 -11.76 17.41 -1.36
N LEU A 132 -10.99 16.36 -1.66
CA LEU A 132 -11.59 15.08 -2.01
C LEU A 132 -12.38 14.50 -0.84
N GLN A 133 -11.88 14.66 0.38
CA GLN A 133 -12.50 14.04 1.55
C GLN A 133 -13.44 14.98 2.31
N ASN A 134 -13.43 16.27 2.01
CA ASN A 134 -14.24 17.23 2.75
C ASN A 134 -15.41 17.81 1.97
N MET A 135 -15.26 18.03 0.67
CA MET A 135 -16.37 18.54 -0.12
C MET A 135 -17.50 17.51 -0.17
N ASP A 136 -18.69 17.98 -0.53
CA ASP A 136 -19.82 17.09 -0.72
C ASP A 136 -19.48 16.03 -1.76
N LEU A 137 -19.96 14.80 -1.52
CA LEU A 137 -19.54 13.67 -2.34
C LEU A 137 -19.86 13.90 -3.82
N SER A 138 -20.98 14.57 -4.11
CA SER A 138 -21.33 14.85 -5.49
C SER A 138 -20.29 15.73 -6.16
N LEU A 139 -19.74 16.70 -5.42
CA LEU A 139 -18.74 17.60 -5.98
C LEU A 139 -17.37 16.95 -6.03
N ALA A 140 -17.05 16.08 -5.06
CA ALA A 140 -15.75 15.42 -5.04
C ALA A 140 -15.61 14.42 -6.17
N CYS A 141 -16.71 13.77 -6.57
CA CYS A 141 -16.66 12.85 -7.71
C CYS A 141 -16.29 13.57 -8.99
N LYS A 142 -16.68 14.85 -9.13
CA LYS A 142 -16.31 15.62 -10.31
C LYS A 142 -14.81 15.83 -10.39
N LEU A 143 -14.12 15.85 -9.24
CA LEU A 143 -12.67 15.99 -9.24
C LEU A 143 -11.99 14.75 -9.82
N VAL A 144 -12.55 13.57 -9.54
CA VAL A 144 -11.95 12.33 -10.04
C VAL A 144 -11.99 12.29 -11.56
N GLN A 145 -13.07 12.82 -12.15
CA GLN A 145 -13.18 12.85 -13.60
C GLN A 145 -12.11 13.72 -14.26
N ALA A 146 -11.53 14.66 -13.51
CA ALA A 146 -10.48 15.52 -14.04
C ALA A 146 -9.11 14.88 -14.01
N LEU A 147 -8.98 13.67 -13.47
CA LEU A 147 -7.69 13.00 -13.43
C LEU A 147 -7.27 12.59 -14.84
N PRO A 148 -5.97 12.63 -15.12
CA PRO A 148 -5.49 12.25 -16.46
C PRO A 148 -5.63 10.76 -16.71
N ARG A 149 -5.66 10.40 -17.99
CA ARG A 149 -5.79 9.02 -18.42
C ARG A 149 -4.59 8.52 -19.22
N ASP A 150 -3.58 9.35 -19.41
CA ASP A 150 -2.42 8.95 -20.21
C ASP A 150 -1.22 8.64 -19.31
N ALA A 151 -0.02 8.93 -19.81
CA ALA A 151 1.19 8.65 -19.04
C ALA A 151 1.29 9.53 -17.79
N ARG A 152 0.58 10.66 -17.77
CA ARG A 152 0.62 11.53 -16.59
C ARG A 152 0.04 10.84 -15.36
N LEU A 153 -0.91 9.92 -15.56
CA LEU A 153 -1.42 9.15 -14.43
C LEU A 153 -0.33 8.28 -13.82
N ILE A 154 0.52 7.69 -14.65
CA ILE A 154 1.66 6.93 -14.14
C ILE A 154 2.60 7.83 -13.36
N ALA A 155 2.86 9.03 -13.88
CA ALA A 155 3.70 9.99 -13.17
C ALA A 155 3.11 10.36 -11.82
N ILE A 156 1.78 10.35 -11.71
CA ILE A 156 1.14 10.64 -10.43
C ILE A 156 1.32 9.47 -9.47
N CYS A 157 1.19 8.24 -9.98
CA CYS A 157 1.23 7.07 -9.10
C CYS A 157 2.63 6.81 -8.56
N VAL A 158 3.68 7.26 -9.27
CA VAL A 158 5.05 7.00 -8.86
C VAL A 158 5.72 8.22 -8.24
N ASP A 159 4.97 9.30 -8.02
CA ASP A 159 5.50 10.48 -7.35
C ASP A 159 5.29 10.34 -5.84
N GLN A 160 6.30 10.74 -5.07
CA GLN A 160 6.23 10.59 -3.62
C GLN A 160 5.05 11.36 -3.02
N ASN A 161 4.68 12.48 -3.62
CA ASN A 161 3.59 13.32 -3.12
C ASN A 161 2.28 13.08 -3.87
N ALA A 162 2.34 13.01 -5.20
CA ALA A 162 1.11 12.90 -6.00
C ALA A 162 0.40 11.57 -5.78
N ASN A 163 1.14 10.52 -5.39
CA ASN A 163 0.52 9.20 -5.24
C ASN A 163 -0.55 9.20 -4.17
N HIS A 164 -0.47 10.11 -3.20
CA HIS A 164 -1.47 10.15 -2.14
C HIS A 164 -2.80 10.71 -2.62
N VAL A 165 -2.83 11.42 -3.75
CA VAL A 165 -4.09 11.86 -4.32
C VAL A 165 -4.91 10.66 -4.78
N ILE A 166 -4.26 9.72 -5.48
CA ILE A 166 -4.94 8.49 -5.89
C ILE A 166 -5.34 7.67 -4.67
N GLN A 167 -4.48 7.64 -3.65
CA GLN A 167 -4.82 6.93 -2.41
C GLN A 167 -6.04 7.56 -1.75
N LYS A 168 -6.12 8.89 -1.75
CA LYS A 168 -7.29 9.55 -1.16
C LYS A 168 -8.54 9.28 -1.97
N VAL A 169 -8.43 9.28 -3.30
CA VAL A 169 -9.56 8.93 -4.15
C VAL A 169 -10.06 7.53 -3.83
N VAL A 170 -9.14 6.58 -3.65
CA VAL A 170 -9.51 5.21 -3.36
C VAL A 170 -10.21 5.11 -2.01
N ALA A 171 -9.85 5.97 -1.07
CA ALA A 171 -10.34 5.82 0.30
C ALA A 171 -11.73 6.43 0.51
N VAL A 172 -12.05 7.52 -0.17
CA VAL A 172 -13.25 8.30 0.14
C VAL A 172 -14.20 8.45 -1.05
N ILE A 173 -13.90 7.86 -2.19
CA ILE A 173 -14.75 7.99 -3.38
C ILE A 173 -15.29 6.62 -3.76
N PRO A 174 -16.59 6.50 -4.07
CA PRO A 174 -17.13 5.20 -4.50
C PRO A 174 -16.43 4.70 -5.75
N LEU A 175 -16.34 3.37 -5.86
CA LEU A 175 -15.53 2.73 -6.88
C LEU A 175 -16.01 3.09 -8.29
N LYS A 176 -17.30 3.38 -8.46
CA LYS A 176 -17.83 3.65 -9.79
C LYS A 176 -17.15 4.85 -10.45
N ASN A 177 -16.60 5.76 -9.64
CA ASN A 177 -15.97 6.96 -10.16
C ASN A 177 -14.51 6.77 -10.53
N TRP A 178 -13.81 5.80 -9.94
CA TRP A 178 -12.41 5.56 -10.24
C TRP A 178 -12.14 4.15 -10.75
N GLU A 179 -13.17 3.48 -11.29
CA GLU A 179 -12.96 2.16 -11.88
C GLU A 179 -12.00 2.22 -13.06
N PHE A 180 -11.92 3.38 -13.73
CA PHE A 180 -10.97 3.53 -14.84
C PHE A 180 -9.53 3.45 -14.35
N ILE A 181 -9.28 3.83 -13.09
CA ILE A 181 -7.93 3.72 -12.54
C ILE A 181 -7.53 2.25 -12.40
N VAL A 182 -8.49 1.40 -12.00
CA VAL A 182 -8.21 -0.03 -11.89
C VAL A 182 -7.83 -0.60 -13.25
N ASP A 183 -8.62 -0.30 -14.27
CA ASP A 183 -8.32 -0.79 -15.61
C ASP A 183 -7.01 -0.21 -16.14
N PHE A 184 -6.69 1.03 -15.77
CA PHE A 184 -5.41 1.61 -16.16
C PHE A 184 -4.25 0.86 -15.51
N VAL A 185 -4.34 0.61 -14.21
CA VAL A 185 -3.30 -0.11 -13.50
C VAL A 185 -3.25 -1.56 -13.98
N ALA A 186 -4.40 -2.14 -14.31
CA ALA A 186 -4.44 -3.54 -14.76
C ALA A 186 -3.80 -3.73 -16.13
N THR A 187 -3.60 -2.66 -16.88
CA THR A 187 -2.91 -2.78 -18.15
C THR A 187 -1.49 -3.29 -17.92
N PRO A 188 -1.08 -4.38 -18.59
CA PRO A 188 0.20 -5.03 -18.23
C PRO A 188 1.41 -4.09 -18.26
N GLU A 189 1.52 -3.22 -19.25
CA GLU A 189 2.65 -2.30 -19.29
C GLU A 189 2.58 -1.29 -18.17
N HIS A 190 1.37 -0.85 -17.80
CA HIS A 190 1.24 0.08 -16.69
C HIS A 190 1.52 -0.59 -15.36
N LEU A 191 1.06 -1.83 -15.18
CA LEU A 191 1.34 -2.56 -13.94
C LEU A 191 2.84 -2.76 -13.75
N ARG A 192 3.56 -3.06 -14.83
CA ARG A 192 5.00 -3.27 -14.72
C ARG A 192 5.71 -2.00 -14.24
N GLN A 193 5.35 -0.86 -14.84
CA GLN A 193 6.01 0.39 -14.47
C GLN A 193 5.60 0.86 -13.08
N ILE A 194 4.33 0.70 -12.73
CA ILE A 194 3.85 1.17 -11.43
C ILE A 194 4.36 0.28 -10.31
N CYS A 195 4.35 -1.04 -10.51
CA CYS A 195 4.77 -1.96 -9.46
C CYS A 195 6.28 -2.11 -9.36
N SER A 196 7.05 -1.50 -10.27
CA SER A 196 8.50 -1.44 -10.14
C SER A 196 8.96 -0.19 -9.39
N ASP A 197 8.02 0.60 -8.88
CA ASP A 197 8.30 1.83 -8.16
C ASP A 197 7.79 1.70 -6.74
N LYS A 198 8.56 2.24 -5.78
CA LYS A 198 8.21 2.09 -4.37
C LYS A 198 6.87 2.76 -4.06
N TYR A 199 6.63 3.92 -4.65
CA TYR A 199 5.37 4.63 -4.40
C TYR A 199 4.24 4.08 -5.24
N GLY A 200 4.55 3.57 -6.44
CA GLY A 200 3.52 2.94 -7.25
C GLY A 200 2.95 1.70 -6.60
N CYS A 201 3.80 0.94 -5.90
CA CYS A 201 3.32 -0.24 -5.18
C CYS A 201 2.36 0.13 -4.06
N ARG A 202 2.56 1.30 -3.43
CA ARG A 202 1.63 1.74 -2.40
C ARG A 202 0.26 2.03 -2.98
N VAL A 203 0.20 2.52 -4.21
CA VAL A 203 -1.07 2.76 -4.87
C VAL A 203 -1.77 1.43 -5.15
N VAL A 204 -1.03 0.47 -5.71
CA VAL A 204 -1.61 -0.85 -6.00
C VAL A 204 -2.06 -1.54 -4.72
N GLN A 205 -1.26 -1.41 -3.65
CA GLN A 205 -1.62 -2.04 -2.39
C GLN A 205 -2.92 -1.48 -1.82
N THR A 206 -3.09 -0.16 -1.88
CA THR A 206 -4.32 0.45 -1.38
C THR A 206 -5.52 0.05 -2.22
N ILE A 207 -5.35 -0.03 -3.54
CA ILE A 207 -6.45 -0.41 -4.41
C ILE A 207 -6.88 -1.85 -4.14
N ILE A 208 -5.91 -2.75 -3.93
CA ILE A 208 -6.22 -4.14 -3.63
C ILE A 208 -6.98 -4.24 -2.31
N GLU A 209 -6.55 -3.47 -1.30
CA GLU A 209 -7.23 -3.50 -0.01
C GLU A 209 -8.66 -2.99 -0.13
N LYS A 210 -8.88 -1.94 -0.94
CA LYS A 210 -10.22 -1.41 -1.12
C LYS A 210 -11.11 -2.40 -1.87
N LEU A 211 -10.54 -3.12 -2.82
CA LEU A 211 -11.30 -4.07 -3.63
C LEU A 211 -11.49 -5.42 -2.96
N THR A 212 -11.10 -5.54 -1.69
CA THR A 212 -11.24 -6.78 -0.95
C THR A 212 -12.53 -6.76 -0.13
N ALA A 213 -13.25 -7.88 -0.14
CA ALA A 213 -14.51 -7.99 0.61
C ALA A 213 -14.21 -8.39 2.06
N ASP A 214 -13.60 -7.46 2.78
CA ASP A 214 -13.22 -7.66 4.16
C ASP A 214 -14.22 -6.99 5.10
N SER A 215 -13.83 -6.84 6.37
CA SER A 215 -14.73 -6.27 7.38
C SER A 215 -15.04 -4.81 7.09
N MET A 216 -14.16 -4.10 6.40
CA MET A 216 -14.35 -2.69 6.11
C MET A 216 -15.21 -2.45 4.87
N ASN A 217 -15.79 -3.50 4.28
CA ASN A 217 -16.62 -3.36 3.10
C ASN A 217 -17.99 -4.01 3.26
N VAL A 218 -18.37 -4.40 4.47
CA VAL A 218 -19.68 -5.00 4.68
C VAL A 218 -20.82 -4.01 4.52
N ASP A 219 -20.52 -2.71 4.53
CA ASP A 219 -21.53 -1.68 4.36
C ASP A 219 -21.92 -1.46 2.90
N LEU A 220 -21.20 -2.07 1.96
CA LEU A 220 -21.52 -1.89 0.55
C LEU A 220 -22.83 -2.60 0.20
N THR A 221 -23.54 -2.05 -0.77
CA THR A 221 -24.71 -2.71 -1.30
C THR A 221 -24.30 -3.89 -2.19
N SER A 222 -25.29 -4.69 -2.59
CA SER A 222 -25.02 -5.82 -3.45
C SER A 222 -24.43 -5.37 -4.78
N ALA A 223 -24.99 -4.32 -5.37
CA ALA A 223 -24.47 -3.79 -6.62
C ALA A 223 -23.04 -3.29 -6.45
N ALA A 224 -22.76 -2.64 -5.32
CA ALA A 224 -21.40 -2.16 -5.06
C ALA A 224 -20.44 -3.32 -4.84
N GLN A 225 -20.91 -4.38 -4.17
CA GLN A 225 -20.06 -5.55 -3.97
C GLN A 225 -19.78 -6.25 -5.29
N ASN A 226 -20.79 -6.34 -6.16
CA ASN A 226 -20.58 -6.97 -7.47
C ASN A 226 -19.60 -6.15 -8.31
N LEU A 227 -19.72 -4.83 -8.27
CA LEU A 227 -18.75 -3.98 -8.98
C LEU A 227 -17.37 -4.14 -8.38
N ARG A 228 -17.28 -4.31 -7.06
CA ARG A 228 -15.99 -4.49 -6.40
C ARG A 228 -15.36 -5.83 -6.79
N GLU A 229 -16.17 -6.88 -6.85
CA GLU A 229 -15.66 -8.22 -7.24
C GLU A 229 -15.21 -8.20 -8.70
N ARG A 230 -15.88 -7.47 -9.57
CA ARG A 230 -15.46 -7.42 -10.99
C ARG A 230 -14.10 -6.74 -11.10
N ALA A 231 -13.90 -5.63 -10.38
CA ALA A 231 -12.63 -4.90 -10.46
C ALA A 231 -11.50 -5.72 -9.83
N LEU A 232 -11.81 -6.48 -8.79
CA LEU A 232 -10.77 -7.30 -8.13
C LEU A 232 -10.29 -8.40 -9.07
N GLN A 233 -11.21 -8.98 -9.83
CA GLN A 233 -10.85 -10.09 -10.74
C GLN A 233 -10.01 -9.54 -11.89
N ARG A 234 -10.35 -8.37 -12.40
CA ARG A 234 -9.58 -7.81 -13.51
C ARG A 234 -8.18 -7.41 -13.07
N LEU A 235 -8.04 -6.89 -11.85
CA LEU A 235 -6.72 -6.53 -11.35
C LEU A 235 -5.93 -7.76 -10.92
N MET A 236 -6.61 -8.73 -10.27
CA MET A 236 -5.92 -9.93 -9.83
C MET A 236 -5.42 -10.75 -11.02
N THR A 237 -6.21 -10.83 -12.10
CA THR A 237 -5.78 -11.54 -13.30
C THR A 237 -4.47 -10.96 -13.83
N SER A 238 -4.39 -9.64 -13.92
CA SER A 238 -3.17 -8.99 -14.39
C SER A 238 -2.03 -9.15 -13.39
N VAL A 239 -2.35 -9.28 -12.11
CA VAL A 239 -1.29 -9.41 -11.10
C VAL A 239 -0.68 -10.80 -11.14
N THR A 240 -1.50 -11.84 -11.21
CA THR A 240 -0.99 -13.21 -11.23
C THR A 240 -0.25 -13.54 -12.53
N ASN A 241 -0.48 -12.78 -13.60
CA ASN A 241 0.25 -13.04 -14.84
C ASN A 241 1.69 -12.56 -14.75
N ARG A 242 1.93 -11.51 -13.95
CA ARG A 242 3.29 -11.07 -13.63
C ARG A 242 3.74 -11.56 -12.27
N CYS A 243 3.19 -12.71 -11.82
CA CYS A 243 3.40 -13.15 -10.44
C CYS A 243 4.88 -13.33 -10.13
N GLN A 244 5.65 -13.92 -11.04
CA GLN A 244 7.06 -14.15 -10.78
C GLN A 244 7.83 -12.85 -10.73
N GLU A 245 7.51 -11.90 -11.61
CA GLU A 245 8.21 -10.62 -11.63
C GLU A 245 7.93 -9.82 -10.36
N LEU A 246 6.68 -9.83 -9.89
CA LEU A 246 6.34 -9.05 -8.70
C LEU A 246 6.85 -9.71 -7.43
N ALA A 247 6.85 -11.05 -7.39
CA ALA A 247 7.27 -11.75 -6.19
C ALA A 247 8.75 -11.54 -5.91
N THR A 248 9.56 -11.33 -6.95
CA THR A 248 11.00 -11.16 -6.80
C THR A 248 11.43 -9.70 -6.83
N ASN A 249 10.49 -8.77 -7.03
CA ASN A 249 10.82 -7.35 -7.10
C ASN A 249 11.04 -6.80 -5.70
N GLU A 250 11.90 -5.78 -5.62
CA GLU A 250 12.29 -5.23 -4.33
C GLU A 250 11.12 -4.54 -3.63
N TYR A 251 10.14 -4.03 -4.38
CA TYR A 251 8.99 -3.34 -3.80
C TYR A 251 7.70 -4.15 -3.88
N ALA A 252 7.43 -4.78 -5.03
CA ALA A 252 6.18 -5.50 -5.23
C ALA A 252 6.10 -6.82 -4.49
N ASN A 253 7.21 -7.27 -3.88
CA ASN A 253 7.15 -8.51 -3.10
C ASN A 253 6.25 -8.36 -1.89
N TYR A 254 6.12 -7.14 -1.36
CA TYR A 254 5.19 -6.89 -0.27
C TYR A 254 3.74 -7.10 -0.71
N ILE A 255 3.44 -6.79 -1.97
CA ILE A 255 2.07 -6.97 -2.47
C ILE A 255 1.74 -8.45 -2.56
N ILE A 256 2.66 -9.26 -3.09
CA ILE A 256 2.42 -10.70 -3.19
C ILE A 256 2.30 -11.31 -1.80
N GLN A 257 3.09 -10.82 -0.84
CA GLN A 257 2.95 -11.27 0.54
C GLN A 257 1.54 -10.99 1.06
N HIS A 258 0.99 -9.83 0.74
CA HIS A 258 -0.34 -9.47 1.24
C HIS A 258 -1.41 -10.37 0.61
N ILE A 259 -1.36 -10.55 -0.72
CA ILE A 259 -2.33 -11.42 -1.38
C ILE A 259 -2.26 -12.83 -0.83
N VAL A 260 -1.06 -13.30 -0.51
CA VAL A 260 -0.89 -14.68 -0.06
C VAL A 260 -1.27 -14.83 1.41
N SER A 261 -1.14 -13.78 2.21
CA SER A 261 -1.42 -13.88 3.64
C SER A 261 -2.81 -13.42 4.05
N ASN A 262 -3.45 -12.57 3.24
CA ASN A 262 -4.75 -12.02 3.62
C ASN A 262 -5.83 -13.11 3.54
N ASP A 263 -6.55 -13.29 4.64
CA ASP A 263 -7.58 -14.33 4.70
C ASP A 263 -8.68 -14.09 3.70
N ASP A 264 -9.09 -12.82 3.52
CA ASP A 264 -10.16 -12.49 2.61
C ASP A 264 -9.76 -12.58 1.15
N LEU A 265 -8.51 -12.92 0.86
CA LEU A 265 -8.03 -13.17 -0.50
C LEU A 265 -7.54 -14.61 -0.65
N ALA A 266 -8.14 -15.53 0.11
CA ALA A 266 -7.63 -16.89 0.18
C ALA A 266 -7.73 -17.63 -1.14
N VAL A 267 -8.76 -17.34 -1.95
CA VAL A 267 -8.90 -18.02 -3.23
C VAL A 267 -7.75 -17.70 -4.17
N TYR A 268 -7.04 -16.61 -3.94
CA TYR A 268 -5.87 -16.26 -4.75
C TYR A 268 -4.58 -16.82 -4.17
N ARG A 269 -4.62 -17.40 -2.97
CA ARG A 269 -3.47 -18.12 -2.45
C ARG A 269 -3.04 -19.22 -3.41
N GLU A 270 -3.99 -20.09 -3.78
CA GLU A 270 -3.67 -21.20 -4.67
C GLU A 270 -3.11 -20.70 -5.99
N CYS A 271 -3.68 -19.63 -6.54
CA CYS A 271 -3.22 -19.12 -7.83
CA CYS A 271 -3.22 -19.12 -7.83
C CYS A 271 -1.77 -18.68 -7.78
N ILE A 272 -1.39 -17.97 -6.71
CA ILE A 272 -0.03 -17.45 -6.61
C ILE A 272 0.97 -18.60 -6.50
N ILE A 273 0.67 -19.58 -5.65
CA ILE A 273 1.65 -20.63 -5.34
C ILE A 273 1.93 -21.50 -6.55
N GLU A 274 0.88 -21.93 -7.26
CA GLU A 274 1.08 -22.82 -8.39
C GLU A 274 1.66 -22.10 -9.61
N LYS A 275 1.37 -20.80 -9.75
CA LYS A 275 1.78 -20.12 -10.97
C LYS A 275 3.27 -19.79 -10.99
N CYS A 276 3.83 -19.36 -9.85
CA CYS A 276 5.22 -18.90 -9.82
C CYS A 276 6.04 -19.45 -8.67
N LEU A 277 5.43 -20.04 -7.64
CA LEU A 277 6.17 -20.57 -6.50
C LEU A 277 6.47 -22.05 -6.61
N MET A 278 5.49 -22.85 -7.06
CA MET A 278 5.70 -24.28 -7.21
C MET A 278 6.82 -24.55 -8.20
N ARG A 279 7.62 -25.59 -7.90
CA ARG A 279 8.78 -25.99 -8.70
C ARG A 279 9.84 -24.90 -8.79
N ASN A 280 9.80 -23.93 -7.86
CA ASN A 280 10.81 -22.89 -7.79
C ASN A 280 11.15 -22.52 -6.35
N LEU A 281 10.79 -23.38 -5.38
CA LEU A 281 10.93 -23.01 -3.98
C LEU A 281 12.40 -22.85 -3.58
N LEU A 282 13.26 -23.76 -4.03
CA LEU A 282 14.66 -23.69 -3.66
C LEU A 282 15.34 -22.45 -4.23
N SER A 283 15.04 -22.12 -5.49
CA SER A 283 15.64 -20.93 -6.10
C SER A 283 15.12 -19.65 -5.44
N LEU A 284 13.80 -19.56 -5.26
CA LEU A 284 13.22 -18.35 -4.70
C LEU A 284 13.57 -18.18 -3.23
N SER A 285 13.78 -19.29 -2.51
CA SER A 285 14.16 -19.20 -1.10
C SER A 285 15.54 -18.57 -0.91
N GLN A 286 16.36 -18.54 -1.95
CA GLN A 286 17.70 -17.96 -1.89
C GLN A 286 17.75 -16.52 -2.39
N GLU A 287 16.60 -15.88 -2.56
CA GLU A 287 16.52 -14.51 -3.01
C GLU A 287 16.17 -13.59 -1.84
N LYS A 288 16.71 -12.36 -1.88
CA LYS A 288 16.51 -11.43 -0.77
C LYS A 288 15.04 -11.11 -0.58
N PHE A 289 14.31 -10.88 -1.67
CA PHE A 289 12.91 -10.47 -1.59
C PHE A 289 11.94 -11.63 -1.75
N ALA A 290 12.21 -12.57 -2.66
CA ALA A 290 11.29 -13.68 -2.90
C ALA A 290 11.21 -14.64 -1.72
N SER A 291 12.20 -14.64 -0.83
CA SER A 291 12.17 -15.56 0.30
C SER A 291 11.07 -15.19 1.29
N HIS A 292 10.74 -13.90 1.41
CA HIS A 292 9.64 -13.51 2.27
C HIS A 292 8.30 -14.00 1.72
N VAL A 293 8.16 -14.02 0.39
CA VAL A 293 6.95 -14.55 -0.21
C VAL A 293 6.83 -16.05 0.04
N VAL A 294 7.96 -16.77 -0.05
CA VAL A 294 7.96 -18.20 0.23
C VAL A 294 7.55 -18.44 1.68
N GLU A 295 8.04 -17.62 2.60
CA GLU A 295 7.63 -17.73 4.00
C GLU A 295 6.14 -17.57 4.15
N LYS A 296 5.58 -16.49 3.57
CA LYS A 296 4.14 -16.24 3.66
C LYS A 296 3.34 -17.37 3.01
N ALA A 297 3.86 -17.94 1.94
CA ALA A 297 3.16 -19.03 1.26
C ALA A 297 3.07 -20.27 2.14
N PHE A 298 4.17 -20.63 2.79
CA PHE A 298 4.16 -21.79 3.69
C PHE A 298 3.18 -21.58 4.84
N LEU A 299 3.09 -20.34 5.34
CA LEU A 299 2.32 -20.08 6.55
C LEU A 299 0.81 -20.15 6.31
N HIS A 300 0.37 -19.81 5.10
CA HIS A 300 -1.07 -19.68 4.82
C HIS A 300 -1.57 -20.61 3.73
N ALA A 301 -0.73 -21.48 3.19
CA ALA A 301 -1.17 -22.37 2.12
C ALA A 301 -2.20 -23.36 2.65
N PRO A 302 -3.18 -23.73 1.82
CA PRO A 302 -4.07 -24.83 2.19
C PRO A 302 -3.30 -26.12 2.37
N LEU A 303 -3.85 -27.02 3.19
CA LEU A 303 -3.09 -28.19 3.62
C LEU A 303 -2.73 -29.09 2.44
N GLU A 304 -3.61 -29.19 1.46
CA GLU A 304 -3.30 -29.99 0.28
C GLU A 304 -2.14 -29.38 -0.51
N LEU A 305 -2.08 -28.06 -0.58
CA LEU A 305 -0.98 -27.40 -1.28
C LEU A 305 0.27 -27.31 -0.41
N LEU A 306 0.10 -27.17 0.91
CA LEU A 306 1.25 -27.18 1.81
C LEU A 306 2.02 -28.49 1.70
N ALA A 307 1.30 -29.61 1.51
CA ALA A 307 1.96 -30.90 1.36
C ALA A 307 2.85 -30.94 0.13
N GLU A 308 2.36 -30.42 -1.00
CA GLU A 308 3.17 -30.37 -2.22
C GLU A 308 4.41 -29.50 -2.01
N MET A 309 4.26 -28.40 -1.28
CA MET A 309 5.39 -27.52 -1.00
C MET A 309 6.43 -28.23 -0.13
N MET A 310 5.97 -28.89 0.94
CA MET A 310 6.89 -29.60 1.82
C MET A 310 7.60 -30.73 1.08
N ASP A 311 6.85 -31.48 0.25
CA ASP A 311 7.46 -32.58 -0.50
C ASP A 311 8.48 -32.07 -1.51
N GLU A 312 8.31 -30.84 -2.02
CA GLU A 312 9.30 -30.30 -2.95
C GLU A 312 10.62 -30.02 -2.25
N ILE A 313 10.56 -29.47 -1.03
CA ILE A 313 11.80 -29.21 -0.29
C ILE A 313 12.43 -30.53 0.15
N PHE A 314 11.62 -31.48 0.60
CA PHE A 314 12.14 -32.72 1.16
C PHE A 314 12.55 -33.70 0.06
N ASP A 315 11.79 -33.79 -1.04
CA ASP A 315 12.02 -34.82 -2.03
CA ASP A 315 12.02 -34.82 -2.03
C ASP A 315 11.86 -34.31 -3.46
N GLY A 316 11.89 -33.00 -3.68
CA GLY A 316 11.67 -32.48 -5.02
C GLY A 316 12.89 -32.23 -5.86
N TYR A 317 14.09 -32.24 -5.26
CA TYR A 317 15.31 -31.88 -5.98
C TYR A 317 16.32 -33.02 -5.92
N ILE A 318 17.08 -33.15 -6.99
CA ILE A 318 18.16 -34.13 -7.04
C ILE A 318 19.38 -33.55 -6.36
N PRO A 319 19.99 -34.25 -5.39
CA PRO A 319 21.15 -33.69 -4.69
C PRO A 319 22.32 -33.44 -5.63
N HIS A 320 23.27 -32.65 -5.13
CA HIS A 320 24.45 -32.31 -5.92
C HIS A 320 25.25 -33.57 -6.23
N PRO A 321 25.71 -33.76 -7.48
CA PRO A 321 26.35 -35.03 -7.83
C PRO A 321 27.72 -35.22 -7.21
N ASP A 322 28.35 -34.18 -6.67
CA ASP A 322 29.67 -34.30 -6.06
C ASP A 322 29.62 -34.37 -4.54
N THR A 323 28.85 -33.48 -3.91
CA THR A 323 28.85 -33.35 -2.47
C THR A 323 27.72 -34.10 -1.78
N GLY A 324 26.58 -34.28 -2.45
CA GLY A 324 25.43 -34.88 -1.83
C GLY A 324 24.49 -33.91 -1.14
N LYS A 325 24.73 -32.60 -1.28
CA LYS A 325 23.84 -31.61 -0.69
C LYS A 325 22.48 -31.67 -1.36
N ASP A 326 21.42 -31.69 -0.56
CA ASP A 326 20.06 -31.60 -1.06
C ASP A 326 19.51 -30.19 -0.79
N ALA A 327 18.22 -30.01 -1.03
CA ALA A 327 17.61 -28.69 -0.85
C ALA A 327 17.68 -28.23 0.61
N LEU A 328 17.48 -29.17 1.54
CA LEU A 328 17.56 -28.82 2.96
C LEU A 328 18.96 -28.38 3.34
N ASP A 329 19.98 -29.06 2.81
CA ASP A 329 21.36 -28.69 3.13
C ASP A 329 21.69 -27.28 2.63
N ILE A 330 21.12 -26.90 1.48
CA ILE A 330 21.42 -25.59 0.92
C ILE A 330 20.69 -24.50 1.69
N MET A 331 19.39 -24.68 1.91
CA MET A 331 18.60 -23.62 2.55
C MET A 331 18.98 -23.42 4.01
N MET A 332 19.35 -24.51 4.71
CA MET A 332 19.64 -24.41 6.14
C MET A 332 20.80 -23.46 6.43
N PHE A 333 21.73 -23.32 5.49
CA PHE A 333 22.92 -22.49 5.68
C PHE A 333 22.99 -21.32 4.72
N HIS A 334 21.92 -21.05 3.98
CA HIS A 334 21.84 -19.87 3.13
C HIS A 334 21.35 -18.68 3.95
N GLN A 335 21.82 -17.49 3.58
CA GLN A 335 21.50 -16.29 4.36
C GLN A 335 20.03 -15.91 4.26
N PHE A 336 19.33 -16.39 3.24
CA PHE A 336 17.89 -16.16 3.12
C PHE A 336 17.07 -17.43 3.23
N GLY A 337 17.61 -18.57 2.81
CA GLY A 337 16.83 -19.80 2.83
C GLY A 337 16.63 -20.35 4.23
N ASN A 338 17.50 -19.98 5.17
CA ASN A 338 17.36 -20.48 6.53
C ASN A 338 16.08 -20.00 7.19
N TYR A 339 15.57 -18.84 6.76
CA TYR A 339 14.31 -18.35 7.30
C TYR A 339 13.13 -19.18 6.83
N VAL A 340 13.21 -19.74 5.62
CA VAL A 340 12.15 -20.60 5.12
C VAL A 340 12.11 -21.91 5.91
N VAL A 341 13.28 -22.47 6.22
CA VAL A 341 13.33 -23.71 6.99
C VAL A 341 12.83 -23.49 8.41
N GLN A 342 13.24 -22.39 9.03
CA GLN A 342 12.70 -22.03 10.34
C GLN A 342 11.19 -21.93 10.29
N CYS A 343 10.65 -21.36 9.21
CA CYS A 343 9.20 -21.26 9.05
C CYS A 343 8.57 -22.65 8.91
N MET A 344 9.21 -23.54 8.14
CA MET A 344 8.70 -24.90 8.03
C MET A 344 8.72 -25.60 9.37
N LEU A 345 9.77 -25.41 10.17
CA LEU A 345 9.85 -26.05 11.47
C LEU A 345 8.81 -25.48 12.43
N THR A 346 8.64 -24.16 12.43
CA THR A 346 7.64 -23.53 13.29
C THR A 346 6.24 -24.03 12.95
N ILE A 347 5.94 -24.19 11.66
CA ILE A 347 4.64 -24.66 11.23
C ILE A 347 4.39 -26.07 11.73
N CYS A 348 5.39 -26.94 11.62
CA CYS A 348 5.24 -28.32 12.06
C CYS A 348 5.15 -28.41 13.59
N CYS A 349 5.91 -27.58 14.29
CA CYS A 349 5.88 -27.60 15.74
C CYS A 349 4.55 -27.06 16.26
N ASP A 350 3.98 -26.06 15.58
CA ASP A 350 2.68 -25.54 15.98
C ASP A 350 1.57 -26.57 15.76
N ALA A 351 1.73 -27.43 14.75
CA ALA A 351 0.68 -28.39 14.42
C ALA A 351 0.62 -29.51 15.45
N VAL A 352 1.78 -30.10 15.77
CA VAL A 352 1.83 -31.21 16.71
C VAL A 352 1.62 -30.77 18.15
N SER A 353 1.65 -29.46 18.42
CA SER A 353 1.43 -28.93 19.75
C SER A 353 0.03 -28.39 19.96
N GLY A 354 -0.83 -28.46 18.94
CA GLY A 354 -2.19 -27.97 19.06
C GLY A 354 -2.36 -26.48 18.83
N ARG A 355 -1.31 -25.77 18.45
CA ARG A 355 -1.44 -24.34 18.19
C ARG A 355 -2.02 -24.06 16.81
N ARG A 356 -1.79 -24.95 15.85
CA ARG A 356 -2.32 -24.82 14.51
C ARG A 356 -3.19 -26.03 14.20
N GLN A 357 -4.39 -25.78 13.69
CA GLN A 357 -5.30 -26.86 13.34
C GLN A 357 -4.78 -27.64 12.14
N THR A 358 -4.84 -28.96 12.23
CA THR A 358 -4.27 -29.86 11.22
C THR A 358 -5.32 -30.46 10.31
N LYS A 359 -6.53 -29.92 10.33
CA LYS A 359 -7.72 -30.70 9.99
C LYS A 359 -8.55 -29.81 9.07
N GLU A 360 -8.44 -30.03 7.76
CA GLU A 360 -8.91 -29.11 6.72
C GLU A 360 -9.36 -29.86 5.46
N TYR A 363 -9.62 -35.11 5.02
CA TYR A 363 -8.51 -35.74 5.70
C TYR A 363 -8.12 -34.99 6.97
N ASP A 364 -7.34 -35.66 7.81
CA ASP A 364 -6.65 -35.02 8.94
C ASP A 364 -5.16 -35.11 8.65
N HIS A 365 -4.55 -33.96 8.36
CA HIS A 365 -3.14 -33.90 8.01
C HIS A 365 -2.22 -33.94 9.23
N ALA A 366 -2.72 -34.36 10.39
CA ALA A 366 -1.88 -34.44 11.58
C ALA A 366 -0.70 -35.37 11.36
N ILE A 367 -0.95 -36.53 10.76
CA ILE A 367 0.14 -37.46 10.47
C ILE A 367 1.10 -36.88 9.44
N SER A 368 0.60 -36.04 8.54
CA SER A 368 1.47 -35.40 7.56
C SER A 368 2.44 -34.44 8.24
N PHE A 369 1.96 -33.69 9.22
CA PHE A 369 2.84 -32.78 9.96
C PHE A 369 3.87 -33.56 10.78
N GLN A 370 3.51 -34.75 11.27
CA GLN A 370 4.47 -35.55 12.02
C GLN A 370 5.59 -36.07 11.12
N ASP A 371 5.26 -36.42 9.88
CA ASP A 371 6.28 -36.87 8.93
C ASP A 371 7.27 -35.75 8.63
N TRP A 372 6.76 -34.53 8.40
CA TRP A 372 7.65 -33.41 8.11
C TRP A 372 8.48 -33.02 9.33
N LEU A 373 7.86 -33.01 10.51
CA LEU A 373 8.60 -32.72 11.74
C LEU A 373 9.70 -33.75 11.97
N LYS A 374 9.38 -35.03 11.76
CA LYS A 374 10.37 -36.08 11.93
C LYS A 374 11.52 -35.91 10.95
N LYS A 375 11.22 -35.49 9.71
CA LYS A 375 12.28 -35.20 8.75
C LYS A 375 13.15 -34.05 9.23
N LEU A 376 12.52 -32.96 9.68
CA LEU A 376 13.27 -31.79 10.14
C LEU A 376 14.06 -32.12 11.41
N HIS A 377 13.43 -32.85 12.34
CA HIS A 377 14.13 -33.22 13.56
C HIS A 377 15.33 -34.11 13.28
N SER A 378 15.18 -35.07 12.36
CA SER A 378 16.28 -35.98 12.04
C SER A 378 17.44 -35.24 11.40
N ARG A 379 17.16 -34.28 10.53
CA ARG A 379 18.24 -33.54 9.89
C ARG A 379 18.93 -32.60 10.87
N VAL A 380 18.15 -31.90 11.70
CA VAL A 380 18.74 -30.99 12.68
C VAL A 380 19.57 -31.77 13.69
N THR A 381 19.16 -32.99 14.03
CA THR A 381 19.94 -33.82 14.93
C THR A 381 21.29 -34.21 14.32
N LYS A 382 21.29 -34.61 13.05
CA LYS A 382 22.53 -35.06 12.42
C LYS A 382 23.48 -33.90 12.14
N GLU A 383 22.94 -32.69 11.92
CA GLU A 383 23.75 -31.52 11.61
C GLU A 383 23.82 -30.53 12.77
N ARG A 384 23.62 -31.00 14.00
CA ARG A 384 23.55 -30.10 15.15
C ARG A 384 24.85 -29.33 15.36
N HIS A 385 26.00 -29.95 15.05
CA HIS A 385 27.29 -29.28 15.27
C HIS A 385 27.46 -28.11 14.30
N ARG A 386 27.21 -28.34 13.01
CA ARG A 386 27.29 -27.25 12.05
C ARG A 386 26.21 -26.20 12.31
N LEU A 387 25.01 -26.65 12.70
CA LEU A 387 23.92 -25.71 12.95
C LEU A 387 24.16 -24.88 14.20
N SER A 388 24.86 -25.44 15.21
CA SER A 388 25.11 -24.71 16.44
C SER A 388 26.04 -23.51 16.23
N ARG A 389 26.67 -23.38 15.07
CA ARG A 389 27.49 -22.21 14.79
C ARG A 389 26.68 -20.98 14.44
N PHE A 390 25.42 -21.15 14.05
CA PHE A 390 24.62 -20.06 13.51
C PHE A 390 23.43 -19.79 14.42
N SER A 391 22.94 -18.54 14.37
CA SER A 391 21.75 -18.18 15.14
C SER A 391 20.53 -18.94 14.65
N SER A 392 20.44 -19.17 13.34
CA SER A 392 19.29 -19.89 12.79
C SER A 392 19.26 -21.33 13.27
N GLY A 393 20.41 -22.01 13.25
CA GLY A 393 20.46 -23.36 13.78
C GLY A 393 20.19 -23.42 15.27
N LYS A 394 20.68 -22.42 16.01
CA LYS A 394 20.40 -22.35 17.44
C LYS A 394 18.90 -22.22 17.70
N LYS A 395 18.21 -21.40 16.89
CA LYS A 395 16.76 -21.29 17.03
C LYS A 395 16.08 -22.62 16.75
N MET A 396 16.50 -23.30 15.67
CA MET A 396 15.88 -24.57 15.31
C MET A 396 16.07 -25.61 16.40
N ILE A 397 17.29 -25.71 16.94
CA ILE A 397 17.58 -26.68 17.98
C ILE A 397 16.75 -26.37 19.23
N GLU A 398 16.62 -25.09 19.57
CA GLU A 398 15.81 -24.71 20.72
C GLU A 398 14.31 -24.85 20.42
N THR A 399 13.91 -24.64 19.16
CA THR A 399 12.51 -24.84 18.79
C THR A 399 12.11 -26.30 19.02
N LEU A 400 12.96 -27.24 18.61
CA LEU A 400 12.69 -28.65 18.88
C LEU A 400 12.85 -28.99 20.34
N ALA A 401 13.68 -28.22 21.07
CA ALA A 401 13.92 -28.51 22.48
C ALA A 401 12.68 -28.22 23.32
N ASN A 402 12.03 -27.08 23.11
CA ASN A 402 10.85 -26.74 23.89
C ASN A 402 9.66 -27.64 23.57
N LEU A 403 9.65 -28.27 22.39
CA LEU A 403 8.59 -29.21 22.06
C LEU A 403 8.70 -30.49 22.90
N ARG A 404 9.92 -31.02 23.01
CA ARG A 404 10.11 -32.26 23.77
C ARG A 404 9.74 -32.09 25.23
N SER A 405 9.86 -30.87 25.76
CA SER A 405 9.45 -30.62 27.14
C SER A 405 7.94 -30.59 27.28
N THR A 406 7.22 -30.23 26.21
CA THR A 406 5.76 -30.21 26.23
C THR A 406 5.19 -31.28 25.31
N PRO C 17 25.29 -15.28 -4.17
CA PRO C 17 25.33 -16.48 -4.99
C PRO C 17 24.18 -17.44 -4.73
N LYS C 18 23.86 -18.28 -5.70
CA LYS C 18 22.77 -19.23 -5.62
C LYS C 18 23.30 -20.65 -5.81
N GLN C 19 22.75 -21.59 -5.04
CA GLN C 19 23.03 -23.01 -5.17
C GLN C 19 21.75 -23.68 -5.68
N LEU C 20 21.70 -23.95 -6.98
CA LEU C 20 20.53 -24.53 -7.61
C LEU C 20 20.70 -26.04 -7.78
N LEU C 21 19.59 -26.75 -7.69
CA LEU C 21 19.57 -28.20 -7.86
C LEU C 21 18.56 -28.57 -8.95
N GLN C 22 18.86 -29.65 -9.66
CA GLN C 22 17.96 -30.12 -10.71
C GLN C 22 16.68 -30.69 -10.09
N LEU C 23 15.56 -30.38 -10.73
CA LEU C 23 14.27 -30.86 -10.26
C LEU C 23 14.05 -32.32 -10.68
N ARG C 24 13.17 -32.99 -9.95
CA ARG C 24 12.73 -34.33 -10.32
C ARG C 24 11.53 -34.22 -11.26
N SER C 25 11.04 -35.37 -11.72
CA SER C 25 9.89 -35.38 -12.61
C SER C 25 8.58 -35.43 -11.81
N GLU C 26 7.47 -35.20 -12.51
CA GLU C 26 6.16 -35.16 -11.89
C GLU C 26 5.23 -36.25 -12.38
N ILE C 27 5.69 -37.12 -13.27
CA ILE C 27 4.85 -38.17 -13.84
C ILE C 27 4.50 -39.20 -12.76
#